data_9RQE
#
_entry.id   9RQE
#
_cell.length_a   68.062
_cell.length_b   89.719
_cell.length_c   44.946
_cell.angle_alpha   90.000
_cell.angle_beta   90.000
_cell.angle_gamma   90.000
#
_symmetry.space_group_name_H-M   'P 21 21 2'
#
loop_
_entity.id
_entity.type
_entity.pdbx_description
1 polymer 'FosA family fosfomycin resistance glutathione transferase'
2 non-polymer N-[3-(hydroxymethyl)phenyl]ethanamide
3 non-polymer 1,2-ETHANEDIOL
4 non-polymer 'MANGANESE (II) ION'
5 non-polymer 'DIMETHYL SULFOXIDE'
6 water water
#
_entity_poly.entity_id   1
_entity_poly.type   'polypeptide(L)'
_entity_poly.pdbx_seq_one_letter_code
;MLSGLNHLTLAVSQLAPSVAFYQQLLGMTLHARWDSGAYLSCGDLWLCLSLDPQRRVTPPEESDYTHYAFSISEADFASF
AARLEAAGVAVWKLNRSEGASHYFLDPDGHKLELHVGSLAQRLAACREQPYKGMVFFEQHHHHHH
;
_entity_poly.pdbx_strand_id   A,B
#
# COMPACT_ATOMS: atom_id res chain seq x y z
N MET A 1 -2.75 17.64 8.84
CA MET A 1 -2.56 17.11 7.46
C MET A 1 -2.20 15.63 7.52
N LEU A 2 -2.31 14.96 6.38
CA LEU A 2 -1.82 13.59 6.29
C LEU A 2 -0.31 13.62 6.10
N SER A 3 0.38 12.67 6.72
N SER A 3 0.39 12.71 6.77
CA SER A 3 1.83 12.66 6.76
CA SER A 3 1.85 12.63 6.64
C SER A 3 2.40 11.27 6.51
C SER A 3 2.23 11.16 6.63
N GLY A 4 1.91 10.61 5.49
N GLY A 4 2.36 10.61 5.43
CA GLY A 4 2.55 9.40 5.01
CA GLY A 4 2.89 9.27 5.27
C GLY A 4 1.68 8.18 5.24
C GLY A 4 1.83 8.20 5.36
N LEU A 5 2.26 7.02 4.96
CA LEU A 5 1.52 5.78 5.12
C LEU A 5 1.76 5.29 6.54
N ASN A 6 0.67 5.18 7.30
CA ASN A 6 0.77 4.66 8.66
C ASN A 6 1.00 3.16 8.64
N HIS A 7 0.24 2.43 7.82
CA HIS A 7 0.43 1.00 7.65
C HIS A 7 -0.23 0.54 6.35
N LEU A 8 0.28 -0.60 5.86
CA LEU A 8 -0.29 -1.35 4.75
C LEU A 8 -0.84 -2.65 5.32
N THR A 9 -2.12 -2.92 5.07
CA THR A 9 -2.73 -4.17 5.49
C THR A 9 -3.11 -4.99 4.26
N LEU A 10 -2.58 -6.20 4.19
CA LEU A 10 -2.93 -7.15 3.14
C LEU A 10 -3.80 -8.25 3.70
N ALA A 11 -4.95 -8.46 3.06
CA ALA A 11 -5.80 -9.61 3.38
C ALA A 11 -5.15 -10.87 2.82
N VAL A 12 -5.06 -11.91 3.63
CA VAL A 12 -4.43 -13.16 3.21
C VAL A 12 -5.40 -14.30 3.46
N SER A 13 -5.31 -15.34 2.61
CA SER A 13 -6.20 -16.48 2.74
C SER A 13 -5.65 -17.55 3.67
N GLN A 14 -4.33 -17.67 3.80
CA GLN A 14 -3.68 -18.65 4.67
C GLN A 14 -2.55 -17.92 5.37
N LEU A 15 -2.65 -17.79 6.69
CA LEU A 15 -1.73 -16.91 7.40
C LEU A 15 -0.30 -17.44 7.38
N ALA A 16 -0.11 -18.72 7.67
CA ALA A 16 1.25 -19.24 7.82
C ALA A 16 2.06 -19.09 6.54
N PRO A 17 1.56 -19.46 5.36
N PRO A 17 1.58 -19.52 5.37
CA PRO A 17 2.38 -19.27 4.15
CA PRO A 17 2.35 -19.27 4.14
C PRO A 17 2.63 -17.82 3.84
C PRO A 17 2.65 -17.80 3.90
N SER A 18 1.71 -16.93 4.20
N SER A 18 1.69 -16.91 4.20
CA SER A 18 1.96 -15.51 3.95
CA SER A 18 1.93 -15.49 3.97
C SER A 18 3.03 -14.96 4.90
C SER A 18 3.02 -14.97 4.89
N VAL A 19 2.97 -15.32 6.18
CA VAL A 19 4.04 -14.93 7.09
C VAL A 19 5.38 -15.43 6.58
N ALA A 20 5.42 -16.69 6.13
CA ALA A 20 6.68 -17.24 5.63
C ALA A 20 7.17 -16.45 4.43
N PHE A 21 6.27 -16.07 3.54
CA PHE A 21 6.68 -15.33 2.35
C PHE A 21 7.30 -14.00 2.72
N TYR A 22 6.63 -13.21 3.57
CA TYR A 22 7.13 -11.87 3.87
C TYR A 22 8.34 -11.91 4.80
N GLN A 23 8.36 -12.84 5.76
CA GLN A 23 9.47 -12.91 6.71
C GLN A 23 10.64 -13.71 6.13
N GLN A 24 10.40 -14.97 5.74
CA GLN A 24 11.52 -15.81 5.31
C GLN A 24 12.02 -15.42 3.93
N LEU A 25 11.11 -15.28 2.97
CA LEU A 25 11.57 -15.08 1.60
C LEU A 25 11.97 -13.63 1.35
N LEU A 26 11.15 -12.69 1.80
CA LEU A 26 11.45 -11.28 1.57
C LEU A 26 12.30 -10.64 2.66
N GLY A 27 12.48 -11.29 3.80
CA GLY A 27 13.40 -10.80 4.81
C GLY A 27 12.85 -9.72 5.72
N MET A 28 11.55 -9.52 5.74
CA MET A 28 10.97 -8.53 6.64
C MET A 28 11.03 -9.05 8.07
N THR A 29 10.90 -8.12 9.00
CA THR A 29 11.02 -8.43 10.42
C THR A 29 9.64 -8.75 10.99
N LEU A 30 9.50 -9.93 11.56
CA LEU A 30 8.26 -10.35 12.20
C LEU A 30 8.27 -9.92 13.66
N HIS A 31 7.26 -9.12 14.05
CA HIS A 31 7.17 -8.65 15.42
C HIS A 31 6.17 -9.43 16.26
N ALA A 32 5.07 -9.86 15.67
CA ALA A 32 4.04 -10.57 16.41
C ALA A 32 3.17 -11.31 15.42
N ARG A 33 2.55 -12.40 15.91
N ARG A 33 2.60 -12.42 15.88
CA ARG A 33 1.67 -13.26 15.13
CA ARG A 33 1.57 -13.09 15.11
C ARG A 33 0.58 -13.77 16.07
C ARG A 33 0.54 -13.62 16.09
N TRP A 34 -0.66 -13.81 15.58
CA TRP A 34 -1.77 -14.36 16.36
C TRP A 34 -2.64 -15.18 15.42
N ASP A 35 -3.76 -15.66 15.95
CA ASP A 35 -4.52 -16.63 15.17
C ASP A 35 -5.06 -16.04 13.88
N SER A 36 -5.23 -14.73 13.82
N SER A 36 -5.26 -14.74 13.80
CA SER A 36 -5.87 -14.07 12.68
CA SER A 36 -5.83 -14.14 12.60
C SER A 36 -4.99 -13.03 12.00
C SER A 36 -5.00 -12.99 12.03
N GLY A 37 -3.72 -12.93 12.34
CA GLY A 37 -2.90 -11.91 11.68
C GLY A 37 -1.45 -11.94 12.11
N ALA A 38 -0.70 -11.00 11.54
CA ALA A 38 0.69 -10.81 11.92
C ALA A 38 1.08 -9.36 11.65
N TYR A 39 2.04 -8.89 12.44
CA TYR A 39 2.64 -7.58 12.25
C TYR A 39 4.11 -7.75 11.89
N LEU A 40 4.52 -7.11 10.80
CA LEU A 40 5.90 -7.11 10.33
C LEU A 40 6.32 -5.67 10.06
N SER A 41 7.63 -5.45 9.99
CA SER A 41 8.14 -4.18 9.50
C SER A 41 9.16 -4.43 8.40
N CYS A 42 9.26 -3.44 7.52
CA CYS A 42 10.22 -3.41 6.43
C CYS A 42 10.76 -1.99 6.46
N GLY A 43 11.92 -1.80 7.07
CA GLY A 43 12.36 -0.45 7.35
C GLY A 43 11.30 0.23 8.21
N ASP A 44 10.87 1.42 7.77
N ASP A 44 10.86 1.40 7.75
CA ASP A 44 9.84 2.17 8.48
CA ASP A 44 9.85 2.18 8.45
C ASP A 44 8.43 1.66 8.20
C ASP A 44 8.42 1.78 8.08
N LEU A 45 8.23 0.80 7.20
CA LEU A 45 6.90 0.32 6.86
C LEU A 45 6.36 -0.65 7.90
N TRP A 46 5.15 -0.36 8.38
CA TRP A 46 4.35 -1.28 9.18
C TRP A 46 3.44 -2.05 8.23
N LEU A 47 3.67 -3.35 8.13
CA LEU A 47 2.89 -4.27 7.32
C LEU A 47 2.04 -5.14 8.24
N CYS A 48 0.74 -5.21 7.95
N CYS A 48 0.73 -5.16 8.01
CA CYS A 48 -0.18 -6.07 8.67
CA CYS A 48 -0.15 -6.10 8.69
C CYS A 48 -0.72 -7.12 7.71
C CYS A 48 -0.63 -7.12 7.67
N LEU A 49 -0.56 -8.39 8.05
CA LEU A 49 -1.19 -9.47 7.31
C LEU A 49 -2.43 -9.85 8.09
N SER A 50 -3.59 -9.81 7.45
CA SER A 50 -4.86 -10.05 8.13
C SER A 50 -5.56 -11.23 7.49
N LEU A 51 -5.78 -12.30 8.28
CA LEU A 51 -6.47 -13.47 7.77
C LEU A 51 -7.91 -13.09 7.42
N ASP A 52 -8.29 -13.29 6.17
CA ASP A 52 -9.61 -12.87 5.70
C ASP A 52 -10.22 -14.01 4.90
N PRO A 53 -11.31 -14.63 5.36
CA PRO A 53 -11.95 -15.67 4.55
C PRO A 53 -12.44 -15.17 3.20
N GLN A 54 -12.54 -13.86 3.01
N GLN A 54 -12.54 -13.86 3.01
CA GLN A 54 -12.96 -13.31 1.72
CA GLN A 54 -12.96 -13.32 1.72
C GLN A 54 -11.80 -13.22 0.72
C GLN A 54 -11.81 -13.07 0.76
N ARG A 55 -10.55 -13.31 1.18
CA ARG A 55 -9.43 -13.19 0.25
C ARG A 55 -9.38 -14.38 -0.69
N ARG A 56 -9.28 -14.09 -1.98
CA ARG A 56 -9.13 -15.13 -2.98
C ARG A 56 -7.73 -15.07 -3.59
N VAL A 57 -7.21 -16.25 -3.91
CA VAL A 57 -5.97 -16.31 -4.66
C VAL A 57 -6.29 -15.86 -6.08
N THR A 58 -5.70 -14.74 -6.50
CA THR A 58 -6.17 -14.05 -7.68
C THR A 58 -5.11 -14.02 -8.76
N PRO A 59 -5.36 -14.60 -9.94
CA PRO A 59 -4.38 -14.53 -11.01
C PRO A 59 -4.20 -13.10 -11.46
N PRO A 60 -3.01 -12.74 -11.95
CA PRO A 60 -2.72 -11.32 -12.22
C PRO A 60 -3.53 -10.75 -13.37
N GLU A 61 -4.02 -11.59 -14.28
CA GLU A 61 -4.87 -11.10 -15.36
C GLU A 61 -6.26 -10.75 -14.88
N GLU A 62 -6.63 -11.13 -13.67
N GLU A 62 -6.64 -11.16 -13.67
CA GLU A 62 -7.96 -10.87 -13.13
CA GLU A 62 -7.94 -10.89 -13.09
C GLU A 62 -7.90 -9.85 -11.98
C GLU A 62 -7.95 -9.66 -12.17
N SER A 63 -6.78 -9.15 -11.80
CA SER A 63 -6.72 -7.99 -10.94
C SER A 63 -6.20 -6.78 -11.70
N ASP A 64 -6.55 -5.60 -11.20
CA ASP A 64 -6.08 -4.36 -11.78
C ASP A 64 -4.62 -4.10 -11.39
N TYR A 65 -4.12 -2.95 -11.80
CA TYR A 65 -2.71 -2.60 -11.67
C TYR A 65 -2.30 -2.15 -10.27
N THR A 66 -3.22 -2.13 -9.29
CA THR A 66 -2.86 -1.73 -7.94
C THR A 66 -1.71 -2.61 -7.46
N HIS A 67 -0.66 -2.00 -6.91
CA HIS A 67 0.52 -2.78 -6.52
C HIS A 67 1.33 -2.05 -5.48
N TYR A 68 2.25 -2.80 -4.84
CA TYR A 68 3.02 -2.34 -3.68
C TYR A 68 4.48 -2.59 -3.99
N ALA A 69 5.27 -1.53 -4.04
CA ALA A 69 6.68 -1.63 -4.35
C ALA A 69 7.52 -1.41 -3.11
N PHE A 70 8.56 -2.23 -2.97
CA PHE A 70 9.51 -2.17 -1.85
C PHE A 70 10.85 -1.68 -2.36
N SER A 71 11.50 -0.84 -1.56
CA SER A 71 12.79 -0.27 -1.93
C SER A 71 13.90 -1.27 -1.72
N ILE A 72 14.84 -1.28 -2.67
CA ILE A 72 16.05 -2.08 -2.59
C ILE A 72 17.15 -1.28 -3.27
N SER A 73 18.38 -1.51 -2.82
CA SER A 73 19.50 -0.76 -3.36
C SER A 73 19.90 -1.30 -4.72
N GLU A 74 20.60 -0.45 -5.48
CA GLU A 74 21.12 -0.87 -6.79
C GLU A 74 22.04 -2.07 -6.65
N ALA A 75 22.81 -2.14 -5.55
CA ALA A 75 23.74 -3.24 -5.38
C ALA A 75 23.05 -4.57 -5.10
N ASP A 76 21.88 -4.54 -4.45
CA ASP A 76 21.20 -5.78 -4.06
C ASP A 76 20.10 -6.21 -5.02
N PHE A 77 19.68 -5.33 -5.93
CA PHE A 77 18.48 -5.54 -6.73
C PHE A 77 18.53 -6.85 -7.51
N ALA A 78 19.57 -7.02 -8.33
CA ALA A 78 19.56 -8.13 -9.29
C ALA A 78 19.62 -9.48 -8.58
N SER A 79 20.44 -9.60 -7.54
N SER A 79 20.46 -9.59 -7.54
CA SER A 79 20.55 -10.90 -6.90
CA SER A 79 20.58 -10.86 -6.83
C SER A 79 19.28 -11.26 -6.13
C SER A 79 19.27 -11.24 -6.17
N PHE A 80 18.59 -10.26 -5.56
CA PHE A 80 17.32 -10.52 -4.87
C PHE A 80 16.27 -10.97 -5.89
N ALA A 81 16.16 -10.25 -7.01
CA ALA A 81 15.22 -10.66 -8.06
C ALA A 81 15.53 -12.07 -8.54
N ALA A 82 16.81 -12.39 -8.75
CA ALA A 82 17.17 -13.70 -9.26
C ALA A 82 16.85 -14.79 -8.25
N ARG A 83 17.01 -14.48 -6.96
CA ARG A 83 16.67 -15.45 -5.93
C ARG A 83 15.17 -15.72 -5.90
N LEU A 84 14.35 -14.68 -6.05
CA LEU A 84 12.90 -14.89 -6.13
C LEU A 84 12.57 -15.76 -7.34
N GLU A 85 13.19 -15.48 -8.50
CA GLU A 85 12.94 -16.29 -9.68
C GLU A 85 13.31 -17.73 -9.44
N ALA A 86 14.49 -17.97 -8.86
CA ALA A 86 14.94 -19.34 -8.67
C ALA A 86 14.05 -20.06 -7.66
N ALA A 87 13.42 -19.32 -6.74
CA ALA A 87 12.50 -19.90 -5.77
C ALA A 87 11.12 -20.17 -6.36
N GLY A 88 10.89 -19.84 -7.63
CA GLY A 88 9.62 -20.13 -8.25
C GLY A 88 8.55 -19.10 -8.02
N VAL A 89 8.91 -17.90 -7.58
CA VAL A 89 7.91 -16.87 -7.32
C VAL A 89 7.31 -16.39 -8.64
N ALA A 90 5.98 -16.39 -8.72
CA ALA A 90 5.29 -16.02 -9.94
C ALA A 90 5.44 -14.53 -10.22
N VAL A 91 5.31 -14.17 -11.49
N VAL A 91 5.32 -14.16 -11.49
CA VAL A 91 5.50 -12.79 -11.90
CA VAL A 91 5.61 -12.81 -11.98
C VAL A 91 4.22 -12.28 -12.50
C VAL A 91 4.42 -12.31 -12.78
N TRP A 92 4.22 -10.99 -12.78
CA TRP A 92 3.06 -10.39 -13.39
C TRP A 92 3.41 -9.30 -14.39
N LYS A 93 4.67 -8.91 -14.49
CA LYS A 93 5.01 -7.88 -15.47
C LYS A 93 6.49 -7.97 -15.78
N LEU A 94 6.83 -7.70 -17.04
CA LEU A 94 8.22 -7.78 -17.50
C LEU A 94 8.76 -6.44 -18.00
N ASN A 95 7.93 -5.65 -18.67
CA ASN A 95 8.37 -4.40 -19.27
C ASN A 95 8.67 -3.37 -18.17
N ARG A 96 9.88 -2.82 -18.19
CA ARG A 96 10.29 -1.83 -17.19
C ARG A 96 9.84 -0.46 -17.68
N SER A 97 8.61 -0.11 -17.31
CA SER A 97 8.00 1.15 -17.72
C SER A 97 8.18 2.25 -16.69
N GLU A 98 8.76 1.94 -15.53
CA GLU A 98 8.96 2.93 -14.47
C GLU A 98 10.33 2.74 -13.81
N GLY A 99 11.34 2.40 -14.61
CA GLY A 99 12.69 2.24 -14.11
C GLY A 99 13.04 0.81 -13.77
N ALA A 100 14.01 0.68 -12.87
CA ALA A 100 14.57 -0.64 -12.52
C ALA A 100 13.64 -1.30 -11.51
N SER A 101 12.85 -2.25 -11.99
CA SER A 101 11.82 -2.89 -11.18
C SER A 101 11.73 -4.36 -11.53
N HIS A 102 11.37 -5.16 -10.52
CA HIS A 102 11.05 -6.57 -10.69
C HIS A 102 9.64 -6.78 -10.14
N TYR A 103 8.75 -7.36 -10.95
CA TYR A 103 7.35 -7.49 -10.60
C TYR A 103 7.02 -8.94 -10.26
N PHE A 104 6.52 -9.16 -9.04
CA PHE A 104 6.27 -10.52 -8.57
C PHE A 104 5.00 -10.56 -7.73
N LEU A 105 4.49 -11.78 -7.53
CA LEU A 105 3.24 -12.01 -6.83
C LEU A 105 3.46 -12.67 -5.49
N ASP A 106 2.65 -12.29 -4.50
CA ASP A 106 2.60 -12.99 -3.21
C ASP A 106 1.69 -14.21 -3.36
N PRO A 107 1.58 -15.03 -2.29
CA PRO A 107 0.83 -16.29 -2.43
C PRO A 107 -0.62 -16.11 -2.79
N ASP A 108 -1.21 -14.97 -2.46
CA ASP A 108 -2.60 -14.67 -2.80
C ASP A 108 -2.74 -13.87 -4.08
N GLY A 109 -1.65 -13.59 -4.77
CA GLY A 109 -1.70 -12.78 -5.96
C GLY A 109 -1.63 -11.29 -5.72
N HIS A 110 -1.33 -10.84 -4.50
CA HIS A 110 -1.05 -9.42 -4.34
C HIS A 110 0.12 -9.06 -5.25
N LYS A 111 -0.03 -7.95 -5.96
CA LYS A 111 0.99 -7.51 -6.90
C LYS A 111 2.06 -6.70 -6.19
N LEU A 112 3.28 -7.23 -6.19
CA LEU A 112 4.42 -6.65 -5.51
C LEU A 112 5.49 -6.26 -6.52
N GLU A 113 6.44 -5.47 -6.06
CA GLU A 113 7.52 -4.97 -6.92
C GLU A 113 8.73 -4.68 -6.05
N LEU A 114 9.92 -4.99 -6.58
CA LEU A 114 11.19 -4.44 -6.10
C LEU A 114 11.52 -3.26 -7.00
N HIS A 115 11.88 -2.12 -6.40
CA HIS A 115 12.22 -0.95 -7.21
C HIS A 115 13.45 -0.26 -6.65
N VAL A 116 14.34 0.15 -7.54
CA VAL A 116 15.51 0.95 -7.20
C VAL A 116 15.21 2.40 -7.56
N GLY A 117 15.18 3.29 -6.57
CA GLY A 117 15.10 4.70 -6.84
C GLY A 117 13.95 5.40 -6.15
N SER A 118 14.11 6.70 -5.90
CA SER A 118 13.14 7.54 -5.22
C SER A 118 12.20 8.21 -6.22
N LEU A 119 11.18 8.88 -5.69
CA LEU A 119 10.30 9.68 -6.54
C LEU A 119 11.09 10.78 -7.24
N ALA A 120 12.00 11.45 -6.52
CA ALA A 120 12.80 12.49 -7.15
C ALA A 120 13.58 11.92 -8.32
N GLN A 121 14.18 10.75 -8.16
CA GLN A 121 14.93 10.15 -9.24
C GLN A 121 14.02 9.76 -10.41
N ARG A 122 12.81 9.31 -10.11
N ARG A 122 12.83 9.26 -10.08
CA ARG A 122 11.90 8.95 -11.19
CA ARG A 122 11.84 8.95 -11.13
C ARG A 122 11.41 10.18 -11.95
C ARG A 122 11.52 10.20 -11.93
N LEU A 123 11.19 11.29 -11.24
CA LEU A 123 10.80 12.52 -11.93
C LEU A 123 11.93 12.99 -12.83
N ALA A 124 13.17 12.93 -12.34
CA ALA A 124 14.31 13.33 -13.17
C ALA A 124 14.43 12.45 -14.40
N ALA A 125 14.23 11.14 -14.25
CA ALA A 125 14.30 10.26 -15.41
C ALA A 125 13.18 10.56 -16.39
N CYS A 126 12.01 10.90 -15.86
CA CYS A 126 10.85 11.16 -16.71
C CYS A 126 10.98 12.45 -17.49
N ARG A 127 11.72 13.42 -16.96
CA ARG A 127 11.96 14.62 -17.74
C ARG A 127 12.67 14.29 -19.05
N GLU A 128 13.55 13.29 -19.04
CA GLU A 128 14.27 12.90 -20.25
C GLU A 128 13.47 11.94 -21.12
N GLN A 129 12.70 11.07 -20.49
CA GLN A 129 11.92 10.04 -21.18
C GLN A 129 10.53 10.10 -20.55
N PRO A 130 9.78 11.15 -20.86
CA PRO A 130 8.50 11.36 -20.19
C PRO A 130 7.44 10.39 -20.68
N TYR A 131 6.50 10.10 -19.80
N TYR A 131 6.45 10.17 -19.83
CA TYR A 131 5.28 9.40 -20.19
CA TYR A 131 5.23 9.53 -20.29
C TYR A 131 4.44 10.36 -21.04
C TYR A 131 4.54 10.44 -21.31
N LYS A 132 3.61 9.80 -21.92
N LYS A 132 3.58 9.87 -22.03
CA LYS A 132 2.90 10.62 -22.89
CA LYS A 132 2.83 10.64 -23.01
C LYS A 132 2.02 11.67 -22.20
C LYS A 132 1.95 11.66 -22.29
N GLY A 133 2.13 12.92 -22.63
CA GLY A 133 1.32 13.99 -22.06
C GLY A 133 1.80 14.49 -20.72
N MET A 134 3.01 14.14 -20.31
CA MET A 134 3.44 14.43 -18.96
C MET A 134 3.67 15.92 -18.71
N VAL A 135 3.18 16.38 -17.57
N VAL A 135 3.19 16.38 -17.58
CA VAL A 135 3.40 17.73 -17.06
CA VAL A 135 3.43 17.74 -17.08
C VAL A 135 3.97 17.61 -15.66
C VAL A 135 3.98 17.61 -15.68
N PHE A 136 4.91 18.49 -15.34
CA PHE A 136 5.58 18.51 -14.04
C PHE A 136 5.15 19.77 -13.31
N PHE A 137 4.87 19.62 -12.02
CA PHE A 137 4.42 20.74 -11.20
C PHE A 137 5.49 21.17 -10.21
N MET B 1 18.41 -6.72 0.45
CA MET B 1 17.57 -6.40 1.65
C MET B 1 16.61 -5.27 1.35
N LEU B 2 15.36 -5.42 1.76
CA LEU B 2 14.35 -4.41 1.50
C LEU B 2 14.39 -3.36 2.59
N SER B 3 14.29 -2.10 2.20
CA SER B 3 14.50 -1.00 3.14
C SER B 3 13.25 -0.19 3.44
N GLY B 4 12.11 -0.51 2.84
CA GLY B 4 10.89 0.22 3.10
C GLY B 4 9.91 0.06 1.95
N LEU B 5 8.80 0.78 2.08
CA LEU B 5 7.86 0.92 0.98
C LEU B 5 8.40 1.96 0.00
N ASN B 6 8.60 1.55 -1.24
CA ASN B 6 9.05 2.48 -2.27
C ASN B 6 7.90 3.33 -2.79
N HIS B 7 6.80 2.69 -3.20
CA HIS B 7 5.62 3.42 -3.64
C HIS B 7 4.39 2.53 -3.54
N LEU B 8 3.24 3.19 -3.46
CA LEU B 8 1.92 2.57 -3.50
C LEU B 8 1.28 3.04 -4.80
N THR B 9 0.84 2.09 -5.62
CA THR B 9 0.14 2.40 -6.86
C THR B 9 -1.30 1.93 -6.76
N LEU B 10 -2.23 2.86 -6.99
CA LEU B 10 -3.65 2.55 -7.03
C LEU B 10 -4.13 2.64 -8.46
N ALA B 11 -4.76 1.57 -8.94
CA ALA B 11 -5.47 1.62 -10.22
C ALA B 11 -6.74 2.44 -10.07
N VAL B 12 -7.00 3.34 -11.01
CA VAL B 12 -8.15 4.22 -10.95
C VAL B 12 -8.91 4.13 -12.26
N SER B 13 -10.24 4.27 -12.17
CA SER B 13 -11.07 4.20 -13.37
C SER B 13 -11.17 5.53 -14.10
N GLN B 14 -11.05 6.65 -13.39
CA GLN B 14 -11.13 7.97 -13.99
C GLN B 14 -10.08 8.84 -13.32
N LEU B 15 -9.15 9.37 -14.10
CA LEU B 15 -8.01 10.04 -13.49
C LEU B 15 -8.40 11.35 -12.82
N ALA B 16 -9.23 12.17 -13.46
CA ALA B 16 -9.53 13.48 -12.89
C ALA B 16 -10.17 13.39 -11.51
N PRO B 17 -11.21 12.60 -11.28
CA PRO B 17 -11.77 12.57 -9.91
C PRO B 17 -10.81 11.98 -8.90
N SER B 18 -9.93 11.06 -9.31
CA SER B 18 -8.98 10.52 -8.36
C SER B 18 -7.91 11.56 -7.99
N VAL B 19 -7.43 12.33 -8.96
CA VAL B 19 -6.51 13.42 -8.64
C VAL B 19 -7.18 14.43 -7.72
N ALA B 20 -8.44 14.77 -7.99
CA ALA B 20 -9.13 15.71 -7.12
C ALA B 20 -9.23 15.18 -5.70
N PHE B 21 -9.53 13.88 -5.56
CA PHE B 21 -9.68 13.28 -4.23
C PHE B 21 -8.36 13.32 -3.47
N TYR B 22 -7.28 12.84 -4.08
CA TYR B 22 -6.02 12.74 -3.35
C TYR B 22 -5.35 14.10 -3.18
N GLN B 23 -5.37 14.95 -4.21
CA GLN B 23 -4.71 16.25 -4.10
C GLN B 23 -5.57 17.25 -3.33
N GLN B 24 -6.80 17.48 -3.79
CA GLN B 24 -7.60 18.57 -3.23
C GLN B 24 -8.27 18.17 -1.92
N LEU B 25 -8.97 17.03 -1.89
CA LEU B 25 -9.67 16.67 -0.66
C LEU B 25 -8.69 16.20 0.41
N LEU B 26 -7.76 15.29 0.05
N LEU B 26 -7.76 15.31 0.05
CA LEU B 26 -6.85 14.76 1.06
CA LEU B 26 -6.86 14.74 1.05
C LEU B 26 -5.64 15.65 1.31
C LEU B 26 -5.56 15.54 1.21
N GLY B 27 -5.33 16.56 0.38
CA GLY B 27 -4.21 17.46 0.58
C GLY B 27 -2.84 16.97 0.19
N MET B 28 -2.76 15.90 -0.59
CA MET B 28 -1.46 15.41 -1.03
C MET B 28 -0.89 16.31 -2.12
N THR B 29 0.44 16.25 -2.26
CA THR B 29 1.14 17.11 -3.22
C THR B 29 1.20 16.41 -4.58
N LEU B 30 0.72 17.09 -5.61
CA LEU B 30 0.77 16.57 -6.98
C LEU B 30 2.08 17.00 -7.63
N HIS B 31 2.93 16.02 -7.99
CA HIS B 31 4.20 16.30 -8.61
C HIS B 31 4.19 16.21 -10.13
N ALA B 32 3.39 15.32 -10.70
CA ALA B 32 3.35 15.18 -12.15
C ALA B 32 2.07 14.46 -12.52
N ARG B 33 1.62 14.70 -13.74
CA ARG B 33 0.47 14.01 -14.29
C ARG B 33 0.71 13.80 -15.77
N TRP B 34 0.24 12.67 -16.28
CA TRP B 34 0.34 12.35 -17.70
C TRP B 34 -1.00 11.77 -18.14
N ASP B 35 -1.10 11.39 -19.41
CA ASP B 35 -2.40 10.99 -19.93
C ASP B 35 -2.99 9.81 -19.18
N SER B 36 -2.16 8.96 -18.58
CA SER B 36 -2.66 7.76 -17.93
C SER B 36 -2.23 7.63 -16.48
N GLY B 37 -1.83 8.71 -15.82
CA GLY B 37 -1.55 8.58 -14.40
C GLY B 37 -1.07 9.86 -13.77
N ALA B 38 -0.71 9.75 -12.48
CA ALA B 38 -0.20 10.88 -11.71
C ALA B 38 0.71 10.38 -10.59
N TYR B 39 1.65 11.24 -10.20
CA TYR B 39 2.50 11.02 -9.05
C TYR B 39 2.21 12.06 -7.99
N LEU B 40 1.94 11.61 -6.78
CA LEU B 40 1.71 12.48 -5.64
C LEU B 40 2.61 12.02 -4.49
N SER B 41 2.81 12.91 -3.53
CA SER B 41 3.46 12.53 -2.28
C SER B 41 2.62 12.96 -1.09
N CYS B 42 2.80 12.21 -0.01
CA CYS B 42 2.13 12.44 1.27
C CYS B 42 3.20 12.12 2.31
N GLY B 43 3.85 13.14 2.86
CA GLY B 43 5.04 12.85 3.66
C GLY B 43 6.04 12.06 2.82
N ASP B 44 6.54 10.96 3.40
N ASP B 44 6.55 10.96 3.41
CA ASP B 44 7.48 10.09 2.71
CA ASP B 44 7.47 10.07 2.70
C ASP B 44 6.78 9.04 1.84
C ASP B 44 6.80 9.21 1.65
N LEU B 45 5.48 9.10 1.68
CA LEU B 45 4.79 8.21 0.75
C LEU B 45 4.81 8.74 -0.67
N TRP B 46 5.29 7.92 -1.60
CA TRP B 46 5.16 8.14 -3.04
C TRP B 46 3.91 7.36 -3.48
N LEU B 47 2.89 8.11 -3.92
CA LEU B 47 1.65 7.53 -4.40
C LEU B 47 1.60 7.69 -5.91
N CYS B 48 1.27 6.61 -6.61
N CYS B 48 1.28 6.60 -6.60
CA CYS B 48 1.01 6.66 -8.04
CA CYS B 48 0.99 6.62 -8.02
C CYS B 48 -0.44 6.30 -8.30
C CYS B 48 -0.49 6.33 -8.23
N LEU B 49 -1.15 7.15 -9.04
CA LEU B 49 -2.47 6.84 -9.56
C LEU B 49 -2.29 6.40 -11.00
N SER B 50 -2.77 5.21 -11.35
CA SER B 50 -2.60 4.65 -12.68
C SER B 50 -3.95 4.40 -13.30
N LEU B 51 -4.25 5.11 -14.39
CA LEU B 51 -5.52 4.92 -15.09
C LEU B 51 -5.56 3.52 -15.68
N ASP B 52 -6.58 2.76 -15.31
CA ASP B 52 -6.64 1.36 -15.69
C ASP B 52 -8.08 1.01 -16.04
N PRO B 53 -8.39 0.69 -17.30
N PRO B 53 -8.37 0.71 -17.31
CA PRO B 53 -9.78 0.32 -17.61
CA PRO B 53 -9.73 0.29 -17.68
C PRO B 53 -10.23 -0.94 -16.91
C PRO B 53 -10.20 -0.98 -16.99
N GLN B 54 -9.30 -1.73 -16.35
CA GLN B 54 -9.68 -2.90 -15.61
C GLN B 54 -10.19 -2.55 -14.21
N ARG B 55 -9.98 -1.32 -13.73
CA ARG B 55 -10.45 -1.00 -12.40
C ARG B 55 -11.97 -0.90 -12.37
N ARG B 56 -12.58 -1.67 -11.48
CA ARG B 56 -14.02 -1.60 -11.22
C ARG B 56 -14.27 -0.72 -10.00
N VAL B 57 -15.32 0.10 -10.07
CA VAL B 57 -15.79 0.82 -8.88
C VAL B 57 -16.42 -0.23 -7.97
N THR B 58 -15.76 -0.54 -6.85
CA THR B 58 -16.02 -1.77 -6.15
C THR B 58 -16.68 -1.51 -4.81
N PRO B 59 -17.91 -1.97 -4.59
CA PRO B 59 -18.53 -1.78 -3.28
C PRO B 59 -17.69 -2.45 -2.20
N PRO B 60 -17.71 -1.92 -0.98
CA PRO B 60 -16.83 -2.47 0.07
C PRO B 60 -17.20 -3.88 0.49
N GLU B 61 -18.47 -4.27 0.34
CA GLU B 61 -18.85 -5.64 0.63
C GLU B 61 -18.24 -6.63 -0.36
N GLU B 62 -17.76 -6.16 -1.50
CA GLU B 62 -17.25 -7.02 -2.56
C GLU B 62 -15.74 -7.04 -2.65
N SER B 63 -15.04 -6.35 -1.76
CA SER B 63 -13.60 -6.42 -1.70
C SER B 63 -13.19 -6.96 -0.34
N ASP B 64 -11.98 -7.50 -0.29
CA ASP B 64 -11.43 -8.02 0.95
C ASP B 64 -10.90 -6.87 1.80
N TYR B 65 -10.28 -7.23 2.93
CA TYR B 65 -9.88 -6.27 3.97
C TYR B 65 -8.59 -5.52 3.63
N THR B 66 -7.96 -5.79 2.50
CA THR B 66 -6.76 -5.05 2.13
C THR B 66 -7.03 -3.55 2.18
N HIS B 67 -6.17 -2.79 2.84
CA HIS B 67 -6.41 -1.36 2.99
C HIS B 67 -5.13 -0.60 3.29
N TYR B 68 -5.24 0.73 3.12
CA TYR B 68 -4.10 1.63 3.15
C TYR B 68 -4.41 2.72 4.17
N ALA B 69 -3.61 2.80 5.22
CA ALA B 69 -3.83 3.76 6.29
C ALA B 69 -2.81 4.88 6.21
N PHE B 70 -3.29 6.12 6.34
CA PHE B 70 -2.46 7.31 6.35
C PHE B 70 -2.33 7.86 7.77
N SER B 71 -1.16 8.39 8.09
CA SER B 71 -0.93 8.95 9.41
C SER B 71 -1.48 10.36 9.51
N ILE B 72 -2.03 10.67 10.67
CA ILE B 72 -2.50 11.99 11.02
C ILE B 72 -2.33 12.14 12.52
N SER B 73 -2.11 13.36 12.99
CA SER B 73 -1.99 13.56 14.43
C SER B 73 -3.36 13.45 15.10
N GLU B 74 -3.34 13.10 16.39
CA GLU B 74 -4.58 13.07 17.16
C GLU B 74 -5.28 14.42 17.10
N ALA B 75 -4.50 15.51 17.20
CA ALA B 75 -5.09 16.85 17.20
C ALA B 75 -5.81 17.17 15.91
N ASP B 76 -5.35 16.64 14.77
CA ASP B 76 -5.96 16.95 13.49
C ASP B 76 -7.05 15.96 13.06
N PHE B 77 -7.16 14.83 13.76
CA PHE B 77 -7.99 13.73 13.30
C PHE B 77 -9.44 14.14 13.11
N ALA B 78 -10.05 14.75 14.13
CA ALA B 78 -11.49 14.97 14.09
C ALA B 78 -11.88 15.94 12.98
N SER B 79 -11.10 16.99 12.76
N SER B 79 -11.10 17.01 12.80
CA SER B 79 -11.46 17.94 11.71
CA SER B 79 -11.39 17.95 11.72
C SER B 79 -11.26 17.35 10.32
C SER B 79 -11.31 17.27 10.37
N PHE B 80 -10.29 16.43 10.17
CA PHE B 80 -10.11 15.79 8.87
C PHE B 80 -11.25 14.80 8.60
N ALA B 81 -11.64 14.04 9.62
CA ALA B 81 -12.81 13.17 9.46
C ALA B 81 -14.04 13.98 9.10
N ALA B 82 -14.23 15.15 9.74
CA ALA B 82 -15.39 15.97 9.44
C ALA B 82 -15.34 16.52 8.02
N ARG B 83 -14.14 16.82 7.51
CA ARG B 83 -13.98 17.24 6.12
C ARG B 83 -14.42 16.14 5.17
N LEU B 84 -13.99 14.91 5.41
CA LEU B 84 -14.41 13.79 4.58
C LEU B 84 -15.92 13.61 4.65
N GLU B 85 -16.50 13.73 5.86
N GLU B 85 -16.49 13.75 5.84
CA GLU B 85 -17.95 13.60 6.00
CA GLU B 85 -17.95 13.59 5.98
C GLU B 85 -18.67 14.69 5.22
C GLU B 85 -18.70 14.70 5.26
N ALA B 86 -18.18 15.93 5.31
CA ALA B 86 -18.83 17.02 4.58
C ALA B 86 -18.83 16.74 3.08
N ALA B 87 -17.75 16.16 2.58
CA ALA B 87 -17.62 15.80 1.18
C ALA B 87 -18.40 14.55 0.80
N GLY B 88 -19.11 13.94 1.75
CA GLY B 88 -19.92 12.78 1.45
C GLY B 88 -19.14 11.51 1.22
N VAL B 89 -17.91 11.43 1.74
CA VAL B 89 -17.08 10.25 1.54
C VAL B 89 -17.61 9.12 2.41
N ALA B 90 -17.80 7.96 1.81
CA ALA B 90 -18.40 6.84 2.52
C ALA B 90 -17.43 6.17 3.48
N VAL B 91 -17.97 5.71 4.61
CA VAL B 91 -17.24 4.95 5.62
C VAL B 91 -17.54 3.47 5.42
N TRP B 92 -16.52 2.63 5.54
CA TRP B 92 -16.68 1.20 5.33
C TRP B 92 -16.56 0.36 6.61
N LYS B 93 -16.26 0.97 7.75
CA LYS B 93 -16.04 0.25 9.00
C LYS B 93 -16.03 1.26 10.13
N LEU B 94 -16.50 0.85 11.31
CA LEU B 94 -16.32 1.64 12.53
C LEU B 94 -15.06 1.19 13.28
N ASN B 95 -14.45 2.12 14.00
CA ASN B 95 -13.26 1.81 14.78
C ASN B 95 -13.59 1.05 16.05
N ARG B 96 -12.89 -0.07 16.27
CA ARG B 96 -13.02 -0.87 17.49
C ARG B 96 -11.66 -1.30 18.05
N SER B 97 -10.57 -0.67 17.63
N SER B 97 -10.59 -0.62 17.69
CA SER B 97 -9.21 -1.00 18.05
CA SER B 97 -9.25 -0.99 18.12
C SER B 97 -8.55 0.22 18.69
C SER B 97 -8.50 0.25 18.58
N GLU B 98 -7.33 0.04 19.18
CA GLU B 98 -6.63 1.14 19.81
C GLU B 98 -6.10 2.14 18.79
N GLY B 99 -6.11 3.40 19.19
CA GLY B 99 -5.72 4.47 18.30
C GLY B 99 -6.90 4.90 17.46
N ALA B 100 -7.08 6.20 17.33
CA ALA B 100 -8.16 6.70 16.49
C ALA B 100 -7.99 6.19 15.06
N SER B 101 -9.12 5.78 14.46
CA SER B 101 -9.14 5.34 13.07
C SER B 101 -10.45 5.77 12.43
N HIS B 102 -10.36 6.27 11.20
CA HIS B 102 -11.51 6.61 10.36
C HIS B 102 -11.35 5.82 9.07
N TYR B 103 -12.34 4.98 8.75
CA TYR B 103 -12.25 4.05 7.62
C TYR B 103 -13.12 4.55 6.48
N PHE B 104 -12.50 4.97 5.38
CA PHE B 104 -13.22 5.64 4.30
C PHE B 104 -12.82 5.09 2.94
N LEU B 105 -13.66 5.33 1.94
CA LEU B 105 -13.47 4.78 0.60
C LEU B 105 -13.07 5.87 -0.39
N ASP B 106 -12.19 5.51 -1.32
CA ASP B 106 -11.83 6.41 -2.43
C ASP B 106 -12.88 6.26 -3.53
N PRO B 107 -12.78 7.06 -4.60
CA PRO B 107 -13.84 7.05 -5.62
C PRO B 107 -14.03 5.70 -6.32
N ASP B 108 -13.02 4.84 -6.33
CA ASP B 108 -13.10 3.52 -6.92
C ASP B 108 -13.35 2.42 -5.91
N GLY B 109 -13.52 2.78 -4.64
CA GLY B 109 -13.72 1.79 -3.61
C GLY B 109 -12.45 1.29 -2.96
N HIS B 110 -11.29 1.89 -3.24
CA HIS B 110 -10.12 1.52 -2.48
C HIS B 110 -10.38 1.82 -1.00
N LYS B 111 -10.02 0.87 -0.15
CA LYS B 111 -10.26 1.00 1.28
C LYS B 111 -9.11 1.75 1.93
N LEU B 112 -9.44 2.92 2.49
CA LEU B 112 -8.49 3.82 3.11
C LEU B 112 -8.80 3.95 4.60
N GLU B 113 -7.83 4.49 5.33
CA GLU B 113 -7.97 4.71 6.75
C GLU B 113 -7.12 5.90 7.15
N LEU B 114 -7.64 6.72 8.08
CA LEU B 114 -6.82 7.63 8.86
C LEU B 114 -6.53 6.93 10.18
N HIS B 115 -5.26 6.86 10.58
CA HIS B 115 -4.92 6.26 11.87
C HIS B 115 -3.93 7.12 12.63
N VAL B 116 -4.14 7.17 13.94
CA VAL B 116 -3.23 7.81 14.88
C VAL B 116 -2.57 6.70 15.68
N GLY B 117 -1.24 6.58 15.56
CA GLY B 117 -0.52 5.62 16.36
C GLY B 117 0.42 4.78 15.52
N SER B 118 1.56 4.43 16.12
CA SER B 118 2.61 3.69 15.46
C SER B 118 2.49 2.19 15.73
N LEU B 119 3.34 1.42 15.04
CA LEU B 119 3.48 0.00 15.34
C LEU B 119 3.92 -0.20 16.78
N ALA B 120 4.87 0.60 17.25
CA ALA B 120 5.33 0.45 18.63
C ALA B 120 4.18 0.63 19.62
N GLN B 121 3.30 1.59 19.36
CA GLN B 121 2.15 1.81 20.23
C GLN B 121 1.21 0.62 20.19
N ARG B 122 0.97 0.08 18.99
CA ARG B 122 0.09 -1.08 18.88
C ARG B 122 0.69 -2.28 19.60
N LEU B 123 1.99 -2.52 19.43
CA LEU B 123 2.62 -3.65 20.09
C LEU B 123 2.57 -3.50 21.60
N ALA B 124 2.74 -2.28 22.12
CA ALA B 124 2.68 -2.09 23.57
C ALA B 124 1.30 -2.42 24.10
N ALA B 125 0.26 -1.99 23.37
CA ALA B 125 -1.11 -2.29 23.78
C ALA B 125 -1.36 -3.79 23.71
N CYS B 126 -0.85 -4.45 22.68
CA CYS B 126 -1.04 -5.88 22.52
C CYS B 126 -0.31 -6.68 23.60
N ARG B 127 0.86 -6.20 24.04
N ARG B 127 0.86 -6.20 24.04
CA ARG B 127 1.56 -6.92 25.10
CA ARG B 127 1.55 -6.92 25.10
C ARG B 127 0.76 -6.93 26.39
C ARG B 127 0.72 -6.94 26.38
N GLU B 128 0.03 -5.85 26.67
CA GLU B 128 -0.82 -5.79 27.86
C GLU B 128 -2.11 -6.58 27.70
N GLN B 129 -2.62 -6.68 26.47
CA GLN B 129 -3.90 -7.34 26.19
C GLN B 129 -3.75 -8.11 24.89
N PRO B 130 -3.10 -9.27 24.92
CA PRO B 130 -2.78 -9.96 23.67
C PRO B 130 -4.01 -10.51 22.98
N TYR B 131 -4.01 -10.42 21.66
CA TYR B 131 -5.02 -11.08 20.86
C TYR B 131 -4.95 -12.59 21.05
N LYS B 132 -6.02 -13.27 20.65
CA LYS B 132 -6.09 -14.73 20.77
C LYS B 132 -4.98 -15.38 19.98
N GLY B 133 -4.16 -16.19 20.65
CA GLY B 133 -3.06 -16.87 20.03
C GLY B 133 -1.82 -16.05 19.81
N MET B 134 -1.71 -14.88 20.43
CA MET B 134 -0.63 -13.96 20.11
C MET B 134 0.70 -14.37 20.74
N VAL B 135 1.73 -14.32 19.91
CA VAL B 135 3.12 -14.58 20.25
C VAL B 135 3.93 -13.41 19.72
N PHE B 136 4.93 -13.00 20.49
CA PHE B 136 5.82 -11.89 20.15
C PHE B 136 7.20 -12.42 19.81
N PHE B 137 7.93 -11.68 18.98
CA PHE B 137 9.26 -12.11 18.55
C PHE B 137 10.26 -10.99 18.78
#